data_2P8C
#
_entry.id   2P8C
#
_cell.length_a   137.339
_cell.length_b   137.339
_cell.length_c   87.850
_cell.angle_alpha   90.00
_cell.angle_beta   90.00
_cell.angle_gamma   90.00
#
_symmetry.space_group_name_H-M   'I 4 2 2'
#
loop_
_entity.id
_entity.type
_entity.pdbx_description
1 polymer 'Mandelate racemase/muconate lactonizing enzyme family protein'
2 non-polymer 'MAGNESIUM ION'
3 non-polymer N~2~-(3-CARBOXYPROPANOYL)-L-ARGININE
4 water water
#
_entity_poly.entity_id   1
_entity_poly.type   'polypeptide(L)'
_entity_poly.pdbx_seq_one_letter_code
;MKITAIHLYAIRLPLRNPFVISYGSYSDMPSIIVKMETDEGIIGYGEGVADDHVTGESWESTFHTLKHTLTPALIGQNPM
NIEKIHDMMDNTIYGVPTAKAAIDIACFDIMGKKLNQPVYQLIGGRYHEEFPVTHVLSIADPENMAEEAASMIQKGYQSF
KMKVGTNVKEDVKRIEAVRERVGNDIAIRVDVNQGWKNSANTLTALRSLGHLNIDWIEQPVIADDIDAMAHIRSKTDLPL
MIDEGLKSSREMRQIIKLEAADKVNIKLMKCGGIYPAVKLAHQAEMAGIECQVGSMVESSVASSAGFHVAFSKKIITSVE
LTGPLKFTKDIGNLHYDVPFIRLNEKPGLGIEINEDTLQELTVFQDIVR
;
_entity_poly.pdbx_strand_id   A
#
# COMPACT_ATOMS: atom_id res chain seq x y z
N MET A 1 3.02 8.21 29.48
CA MET A 1 2.15 8.55 28.32
C MET A 1 1.04 7.51 28.18
N LYS A 2 -0.20 7.97 28.13
CA LYS A 2 -1.34 7.08 28.01
C LYS A 2 -2.37 7.61 27.04
N ILE A 3 -3.01 6.69 26.32
CA ILE A 3 -4.05 7.04 25.35
C ILE A 3 -5.27 7.46 26.15
N THR A 4 -5.76 8.66 25.90
CA THR A 4 -6.93 9.18 26.61
C THR A 4 -8.21 9.14 25.79
N ALA A 5 -8.07 9.21 24.46
CA ALA A 5 -9.25 9.17 23.59
C ALA A 5 -8.86 8.92 22.14
N ILE A 6 -9.76 8.28 21.40
CA ILE A 6 -9.53 7.99 20.00
C ILE A 6 -10.71 8.45 19.16
N HIS A 7 -10.46 9.44 18.29
CA HIS A 7 -11.50 9.96 17.40
C HIS A 7 -11.49 9.14 16.13
N LEU A 8 -12.67 8.78 15.64
CA LEU A 8 -12.80 8.00 14.42
C LEU A 8 -13.57 8.83 13.40
N TYR A 9 -13.01 8.94 12.19
CA TYR A 9 -13.63 9.72 11.13
C TYR A 9 -13.82 8.87 9.88
N ALA A 10 -15.07 8.75 9.43
CA ALA A 10 -15.35 8.00 8.21
C ALA A 10 -15.40 9.03 7.09
N ILE A 11 -14.35 9.06 6.27
CA ILE A 11 -14.26 10.03 5.18
C ILE A 11 -14.21 9.39 3.81
N ARG A 12 -14.24 10.23 2.78
CA ARG A 12 -14.16 9.76 1.42
C ARG A 12 -13.22 10.70 0.67
N LEU A 13 -12.12 10.15 0.16
CA LEU A 13 -11.13 10.92 -0.57
C LEU A 13 -11.48 10.93 -2.06
N PRO A 14 -11.83 12.10 -2.60
CA PRO A 14 -12.20 12.22 -4.03
C PRO A 14 -11.04 12.09 -5.00
N LEU A 15 -11.22 11.25 -6.01
CA LEU A 15 -10.21 11.03 -7.04
C LEU A 15 -10.39 12.00 -8.20
N ARG A 16 -9.28 12.45 -8.78
CA ARG A 16 -9.35 13.36 -9.91
C ARG A 16 -9.91 12.60 -11.10
N ASN A 17 -9.45 11.35 -11.27
CA ASN A 17 -9.91 10.50 -12.36
C ASN A 17 -10.26 9.13 -11.80
N PRO A 18 -11.19 8.41 -12.46
CA PRO A 18 -11.58 7.08 -11.99
C PRO A 18 -10.38 6.15 -11.98
N PHE A 19 -10.26 5.34 -10.93
CA PHE A 19 -9.17 4.38 -10.81
C PHE A 19 -9.79 3.06 -11.21
N VAL A 20 -9.24 2.43 -12.24
CA VAL A 20 -9.79 1.18 -12.74
C VAL A 20 -8.81 0.01 -12.76
N ILE A 21 -9.16 -1.04 -12.03
CA ILE A 21 -8.33 -2.24 -11.98
C ILE A 21 -9.20 -3.47 -12.31
N SER A 22 -8.54 -4.61 -12.49
CA SER A 22 -9.22 -5.86 -12.86
C SER A 22 -10.51 -6.22 -12.13
N TYR A 23 -10.55 -6.04 -10.81
CA TYR A 23 -11.74 -6.43 -10.05
C TYR A 23 -12.61 -5.28 -9.54
N GLY A 24 -12.38 -4.07 -10.01
CA GLY A 24 -13.20 -2.96 -9.55
C GLY A 24 -12.81 -1.60 -10.08
N SER A 25 -13.74 -0.65 -9.99
CA SER A 25 -13.53 0.71 -10.44
C SER A 25 -13.83 1.65 -9.28
N TYR A 26 -13.07 2.73 -9.17
CA TYR A 26 -13.26 3.68 -8.07
C TYR A 26 -13.32 5.14 -8.50
N SER A 27 -14.31 5.85 -7.95
CA SER A 27 -14.53 7.27 -8.22
C SER A 27 -13.98 8.09 -7.05
N ASP A 28 -13.89 7.45 -5.89
CA ASP A 28 -13.35 8.06 -4.69
C ASP A 28 -12.87 6.92 -3.80
N MET A 29 -12.11 7.22 -2.76
CA MET A 29 -11.61 6.16 -1.90
C MET A 29 -12.07 6.37 -0.45
N PRO A 30 -12.98 5.50 0.03
CA PRO A 30 -13.48 5.60 1.40
C PRO A 30 -12.32 5.29 2.35
N SER A 31 -12.18 6.09 3.39
CA SER A 31 -11.09 5.89 4.33
C SER A 31 -11.53 6.19 5.76
N ILE A 32 -10.90 5.53 6.72
CA ILE A 32 -11.19 5.75 8.12
C ILE A 32 -9.97 6.40 8.75
N ILE A 33 -10.16 7.58 9.33
CA ILE A 33 -9.06 8.28 9.97
C ILE A 33 -9.13 8.13 11.48
N VAL A 34 -7.98 7.95 12.09
CA VAL A 34 -7.89 7.80 13.53
C VAL A 34 -7.13 8.99 14.12
N LYS A 35 -7.70 9.62 15.13
CA LYS A 35 -7.05 10.73 15.83
C LYS A 35 -6.86 10.24 17.27
N MET A 36 -5.63 9.87 17.60
CA MET A 36 -5.29 9.34 18.92
C MET A 36 -4.76 10.44 19.84
N GLU A 37 -5.41 10.62 20.99
CA GLU A 37 -5.00 11.64 21.94
C GLU A 37 -4.36 10.99 23.17
N THR A 38 -3.42 11.71 23.79
CA THR A 38 -2.72 11.20 24.96
C THR A 38 -2.78 12.17 26.13
N ASP A 39 -2.52 11.65 27.32
CA ASP A 39 -2.54 12.48 28.53
C ASP A 39 -1.51 13.59 28.46
N GLU A 40 -0.46 13.39 27.66
CA GLU A 40 0.58 14.41 27.55
C GLU A 40 0.27 15.44 26.47
N GLY A 41 -0.91 15.34 25.86
CA GLY A 41 -1.30 16.29 24.85
C GLY A 41 -0.78 16.03 23.44
N ILE A 42 -0.03 14.94 23.26
CA ILE A 42 0.49 14.60 21.94
C ILE A 42 -0.62 13.95 21.14
N ILE A 43 -0.74 14.34 19.87
CA ILE A 43 -1.78 13.81 18.99
C ILE A 43 -1.17 13.03 17.84
N GLY A 44 -1.74 11.86 17.56
CA GLY A 44 -1.24 11.03 16.46
C GLY A 44 -2.37 10.70 15.50
N TYR A 45 -2.04 10.61 14.21
CA TYR A 45 -3.02 10.30 13.19
C TYR A 45 -2.71 8.98 12.51
N GLY A 46 -3.76 8.20 12.27
CA GLY A 46 -3.63 6.92 11.60
C GLY A 46 -4.69 6.86 10.53
N GLU A 47 -4.59 5.88 9.64
CA GLU A 47 -5.55 5.74 8.55
C GLU A 47 -5.74 4.30 8.10
N GLY A 48 -6.97 3.98 7.69
CA GLY A 48 -7.27 2.66 7.22
C GLY A 48 -8.11 2.71 5.95
N VAL A 49 -7.51 2.36 4.81
CA VAL A 49 -8.22 2.33 3.54
C VAL A 49 -8.48 0.85 3.26
N ALA A 50 -9.72 0.43 3.44
CA ALA A 50 -10.08 -0.97 3.25
C ALA A 50 -10.38 -1.37 1.82
N ASP A 51 -9.82 -2.50 1.40
CA ASP A 51 -10.09 -3.04 0.08
C ASP A 51 -10.84 -4.34 0.35
N ASP A 52 -12.16 -4.32 0.19
CA ASP A 52 -13.01 -5.49 0.45
C ASP A 52 -12.48 -6.76 -0.21
N HIS A 53 -12.05 -6.61 -1.47
CA HIS A 53 -11.58 -7.72 -2.28
C HIS A 53 -10.29 -8.37 -1.82
N VAL A 54 -9.54 -7.68 -0.97
CA VAL A 54 -8.25 -8.19 -0.51
C VAL A 54 -8.21 -8.69 0.93
N THR A 55 -8.76 -7.91 1.87
CA THR A 55 -8.68 -8.32 3.26
C THR A 55 -10.01 -8.64 3.95
N GLY A 56 -11.11 -8.55 3.23
CA GLY A 56 -12.40 -8.85 3.82
C GLY A 56 -12.87 -7.76 4.77
N GLU A 57 -12.43 -6.54 4.51
CA GLU A 57 -12.80 -5.41 5.34
C GLU A 57 -13.44 -4.34 4.47
N SER A 58 -14.42 -3.64 5.02
CA SER A 58 -15.09 -2.58 4.28
C SER A 58 -14.95 -1.29 5.06
N TRP A 59 -15.31 -0.19 4.42
CA TRP A 59 -15.27 1.14 5.02
C TRP A 59 -16.08 1.13 6.32
N GLU A 60 -17.34 0.69 6.22
CA GLU A 60 -18.22 0.64 7.38
C GLU A 60 -17.81 -0.40 8.42
N SER A 61 -17.39 -1.59 7.98
CA SER A 61 -17.00 -2.61 8.96
C SER A 61 -15.74 -2.20 9.73
N THR A 62 -14.84 -1.49 9.07
CA THR A 62 -13.61 -1.04 9.73
C THR A 62 -13.92 0.01 10.80
N PHE A 63 -14.82 0.94 10.49
CA PHE A 63 -15.20 1.99 11.44
C PHE A 63 -15.73 1.34 12.72
N HIS A 64 -16.64 0.38 12.57
CA HIS A 64 -17.25 -0.30 13.71
C HIS A 64 -16.33 -1.27 14.43
N THR A 65 -15.44 -1.92 13.71
CA THR A 65 -14.51 -2.84 14.35
C THR A 65 -13.61 -1.97 15.24
N LEU A 66 -13.25 -0.80 14.74
CA LEU A 66 -12.41 0.11 15.52
C LEU A 66 -13.15 0.63 16.74
N LYS A 67 -14.38 1.10 16.52
CA LYS A 67 -15.20 1.67 17.58
C LYS A 67 -15.60 0.72 18.70
N HIS A 68 -16.15 -0.43 18.34
CA HIS A 68 -16.63 -1.39 19.32
C HIS A 68 -15.64 -2.45 19.77
N THR A 69 -14.77 -2.89 18.87
CA THR A 69 -13.84 -3.96 19.20
C THR A 69 -12.39 -3.63 19.58
N LEU A 70 -11.71 -2.83 18.76
CA LEU A 70 -10.31 -2.51 19.02
C LEU A 70 -9.94 -1.34 19.94
N THR A 71 -10.55 -0.17 19.74
CA THR A 71 -10.20 1.01 20.55
C THR A 71 -10.52 0.98 22.04
N PRO A 72 -11.67 0.42 22.44
CA PRO A 72 -11.98 0.40 23.87
C PRO A 72 -10.87 -0.13 24.78
N ALA A 73 -10.26 -1.25 24.42
CA ALA A 73 -9.20 -1.84 25.23
C ALA A 73 -7.88 -1.07 25.17
N LEU A 74 -7.78 -0.12 24.26
CA LEU A 74 -6.55 0.66 24.10
C LEU A 74 -6.46 1.88 25.01
N ILE A 75 -7.60 2.38 25.48
CA ILE A 75 -7.59 3.55 26.36
C ILE A 75 -6.80 3.22 27.62
N GLY A 76 -5.78 4.02 27.90
CA GLY A 76 -4.97 3.78 29.08
C GLY A 76 -3.59 3.21 28.74
N GLN A 77 -3.47 2.59 27.58
CA GLN A 77 -2.20 1.99 27.15
C GLN A 77 -1.21 3.03 26.65
N ASN A 78 0.07 2.66 26.68
CA ASN A 78 1.13 3.55 26.21
C ASN A 78 1.32 3.25 24.73
N PRO A 79 1.15 4.27 23.87
CA PRO A 79 1.30 4.13 22.41
C PRO A 79 2.66 3.59 21.98
N MET A 80 3.68 3.84 22.78
CA MET A 80 5.03 3.37 22.45
C MET A 80 5.26 1.87 22.65
N ASN A 81 4.39 1.21 23.42
CA ASN A 81 4.53 -0.23 23.63
C ASN A 81 3.78 -0.91 22.48
N ILE A 82 4.35 -0.77 21.29
CA ILE A 82 3.76 -1.31 20.07
C ILE A 82 3.63 -2.83 20.01
N GLU A 83 4.64 -3.56 20.48
CA GLU A 83 4.57 -5.02 20.49
C GLU A 83 3.37 -5.44 21.34
N LYS A 84 3.23 -4.82 22.50
CA LYS A 84 2.14 -5.11 23.42
C LYS A 84 0.78 -4.75 22.80
N ILE A 85 0.67 -3.56 22.24
CA ILE A 85 -0.58 -3.13 21.62
C ILE A 85 -1.02 -4.09 20.51
N HIS A 86 -0.07 -4.52 19.68
CA HIS A 86 -0.41 -5.45 18.61
C HIS A 86 -0.84 -6.80 19.17
N ASP A 87 -0.20 -7.23 20.26
CA ASP A 87 -0.58 -8.50 20.87
C ASP A 87 -2.01 -8.39 21.41
N MET A 88 -2.32 -7.27 22.06
CA MET A 88 -3.66 -7.05 22.60
C MET A 88 -4.69 -7.06 21.48
N MET A 89 -4.40 -6.38 20.36
CA MET A 89 -5.33 -6.36 19.25
C MET A 89 -5.51 -7.76 18.64
N ASP A 90 -4.42 -8.51 18.53
CA ASP A 90 -4.49 -9.85 17.95
C ASP A 90 -5.23 -10.84 18.84
N ASN A 91 -5.10 -10.68 20.15
CA ASN A 91 -5.81 -11.57 21.07
C ASN A 91 -7.29 -11.20 21.11
N THR A 92 -7.61 -9.98 20.68
CA THR A 92 -8.99 -9.51 20.65
C THR A 92 -9.70 -9.93 19.38
N ILE A 93 -9.01 -9.84 18.26
CA ILE A 93 -9.63 -10.21 16.99
C ILE A 93 -8.59 -10.63 15.94
N TYR A 94 -8.90 -11.71 15.23
CA TYR A 94 -8.04 -12.26 14.18
C TYR A 94 -8.18 -11.45 12.88
N GLY A 95 -7.08 -11.24 12.17
CA GLY A 95 -7.15 -10.51 10.93
C GLY A 95 -7.38 -9.00 11.00
N VAL A 96 -8.39 -8.53 10.28
CA VAL A 96 -8.72 -7.10 10.17
C VAL A 96 -7.46 -6.23 10.19
N PRO A 97 -6.50 -6.53 9.30
CA PRO A 97 -5.25 -5.77 9.20
C PRO A 97 -5.44 -4.27 8.98
N THR A 98 -6.44 -3.91 8.19
CA THR A 98 -6.68 -2.50 7.91
C THR A 98 -7.07 -1.72 9.16
N ALA A 99 -7.95 -2.29 9.96
CA ALA A 99 -8.36 -1.63 11.20
C ALA A 99 -7.15 -1.51 12.13
N LYS A 100 -6.36 -2.57 12.22
CA LYS A 100 -5.19 -2.57 13.09
C LYS A 100 -4.14 -1.57 12.63
N ALA A 101 -4.01 -1.40 11.32
CA ALA A 101 -3.05 -0.47 10.75
C ALA A 101 -3.39 0.96 11.17
N ALA A 102 -4.68 1.27 11.14
CA ALA A 102 -5.12 2.61 11.50
C ALA A 102 -4.62 2.98 12.90
N ILE A 103 -4.69 2.02 13.82
CA ILE A 103 -4.23 2.24 15.19
C ILE A 103 -2.71 2.32 15.24
N ASP A 104 -2.07 1.33 14.63
CA ASP A 104 -0.62 1.23 14.58
C ASP A 104 0.04 2.52 14.07
N ILE A 105 -0.48 3.05 12.98
CA ILE A 105 0.11 4.26 12.41
C ILE A 105 0.03 5.45 13.36
N ALA A 106 -1.11 5.62 14.01
CA ALA A 106 -1.28 6.73 14.95
C ALA A 106 -0.28 6.62 16.11
N CYS A 107 -0.03 5.39 16.57
CA CYS A 107 0.91 5.16 17.66
C CYS A 107 2.33 5.60 17.29
N PHE A 108 2.76 5.27 16.06
CA PHE A 108 4.09 5.65 15.61
C PHE A 108 4.20 7.17 15.42
N ASP A 109 3.12 7.78 14.93
CA ASP A 109 3.11 9.22 14.74
C ASP A 109 3.32 9.87 16.11
N ILE A 110 2.65 9.33 17.13
CA ILE A 110 2.80 9.86 18.48
C ILE A 110 4.21 9.61 19.00
N MET A 111 4.71 8.40 18.79
CA MET A 111 6.05 8.06 19.25
C MET A 111 7.07 9.02 18.63
N GLY A 112 6.91 9.29 17.34
CA GLY A 112 7.83 10.19 16.66
C GLY A 112 7.78 11.61 17.21
N LYS A 113 6.57 12.12 17.42
CA LYS A 113 6.40 13.46 17.95
C LYS A 113 6.97 13.54 19.36
N LYS A 114 6.70 12.52 20.17
CA LYS A 114 7.19 12.47 21.54
C LYS A 114 8.72 12.49 21.62
N LEU A 115 9.38 11.71 20.76
CA LEU A 115 10.85 11.66 20.76
C LEU A 115 11.47 12.66 19.79
N ASN A 116 10.61 13.46 19.15
CA ASN A 116 11.05 14.47 18.19
C ASN A 116 11.93 13.85 17.11
N GLN A 117 11.46 12.75 16.53
CA GLN A 117 12.20 12.05 15.48
C GLN A 117 11.25 11.55 14.40
N PRO A 118 11.74 11.45 13.16
CA PRO A 118 10.88 10.96 12.07
C PRO A 118 10.62 9.49 12.39
N VAL A 119 9.50 8.95 11.92
CA VAL A 119 9.22 7.55 12.17
C VAL A 119 10.32 6.63 11.63
N TYR A 120 10.80 6.89 10.42
CA TYR A 120 11.84 6.04 9.84
C TYR A 120 13.06 5.97 10.76
N GLN A 121 13.33 7.04 11.48
CA GLN A 121 14.47 7.09 12.37
C GLN A 121 14.29 6.13 13.54
N LEU A 122 13.05 5.76 13.83
CA LEU A 122 12.74 4.87 14.93
C LEU A 122 12.67 3.38 14.56
N ILE A 123 12.61 3.08 13.27
CA ILE A 123 12.54 1.70 12.83
C ILE A 123 13.74 1.25 12.01
N GLY A 124 14.92 1.80 12.32
CA GLY A 124 16.11 1.42 11.59
C GLY A 124 16.93 2.59 11.10
N GLY A 125 16.31 3.76 11.03
CA GLY A 125 17.02 4.95 10.58
C GLY A 125 16.93 5.16 9.09
N ARG A 126 17.56 6.22 8.59
CA ARG A 126 17.53 6.48 7.17
C ARG A 126 18.48 5.58 6.41
N TYR A 127 17.97 4.93 5.37
CA TYR A 127 18.80 4.08 4.53
C TYR A 127 18.75 4.65 3.11
N HIS A 128 17.55 4.85 2.60
CA HIS A 128 17.35 5.41 1.27
C HIS A 128 17.32 6.94 1.30
N GLU A 129 17.81 7.55 0.24
CA GLU A 129 17.80 9.02 0.13
C GLU A 129 16.56 9.41 -0.66
N GLU A 130 16.17 8.55 -1.61
CA GLU A 130 14.99 8.81 -2.42
C GLU A 130 14.58 7.55 -3.18
N PHE A 131 13.38 7.59 -3.77
CA PHE A 131 12.84 6.50 -4.56
C PHE A 131 12.18 7.11 -5.78
N PRO A 132 12.26 6.44 -6.93
CA PRO A 132 11.60 7.03 -8.10
C PRO A 132 10.10 6.77 -7.90
N VAL A 133 9.25 7.60 -8.49
CA VAL A 133 7.82 7.44 -8.37
C VAL A 133 7.27 6.82 -9.64
N THR A 134 6.46 5.79 -9.49
CA THR A 134 5.88 5.11 -10.65
C THR A 134 4.41 5.49 -10.84
N HIS A 135 4.06 5.91 -12.05
CA HIS A 135 2.69 6.30 -12.34
C HIS A 135 1.86 5.06 -12.69
N VAL A 136 0.67 4.98 -12.09
CA VAL A 136 -0.21 3.84 -12.34
C VAL A 136 -1.24 4.18 -13.41
N LEU A 137 -1.23 3.38 -14.48
CA LEU A 137 -2.15 3.54 -15.60
C LEU A 137 -3.36 2.61 -15.41
N SER A 138 -4.54 3.19 -15.25
CA SER A 138 -5.75 2.41 -15.08
C SER A 138 -6.06 1.65 -16.35
N ILE A 139 -6.79 0.55 -16.21
CA ILE A 139 -7.17 -0.27 -17.36
C ILE A 139 -7.98 0.58 -18.34
N ALA A 140 -7.70 0.41 -19.63
CA ALA A 140 -8.41 1.15 -20.67
C ALA A 140 -7.97 0.59 -22.02
N ASP A 141 -8.50 1.17 -23.10
CA ASP A 141 -8.13 0.73 -24.44
C ASP A 141 -6.63 0.92 -24.61
N PRO A 142 -5.97 -0.01 -25.31
CA PRO A 142 -4.53 0.11 -25.51
C PRO A 142 -4.09 1.50 -25.97
N GLU A 143 -4.86 2.12 -26.85
CA GLU A 143 -4.53 3.46 -27.34
C GLU A 143 -4.64 4.52 -26.25
N ASN A 144 -5.65 4.41 -25.40
CA ASN A 144 -5.82 5.37 -24.32
C ASN A 144 -4.68 5.23 -23.30
N MET A 145 -4.32 4.00 -22.98
CA MET A 145 -3.25 3.73 -22.03
C MET A 145 -1.93 4.28 -22.56
N ALA A 146 -1.65 4.03 -23.84
CA ALA A 146 -0.42 4.52 -24.44
C ALA A 146 -0.39 6.05 -24.45
N GLU A 147 -1.56 6.65 -24.69
CA GLU A 147 -1.66 8.10 -24.73
C GLU A 147 -1.38 8.76 -23.38
N GLU A 148 -1.99 8.23 -22.32
CA GLU A 148 -1.77 8.79 -20.99
C GLU A 148 -0.30 8.64 -20.59
N ALA A 149 0.32 7.53 -21.00
CA ALA A 149 1.72 7.28 -20.69
C ALA A 149 2.59 8.35 -21.31
N ALA A 150 2.37 8.63 -22.59
CA ALA A 150 3.16 9.65 -23.28
C ALA A 150 2.95 10.99 -22.58
N SER A 151 1.71 11.25 -22.20
CA SER A 151 1.36 12.48 -21.52
C SER A 151 2.08 12.60 -20.17
N MET A 152 2.18 11.50 -19.44
CA MET A 152 2.84 11.53 -18.14
C MET A 152 4.37 11.62 -18.27
N ILE A 153 4.89 11.12 -19.39
CA ILE A 153 6.33 11.18 -19.62
C ILE A 153 6.71 12.66 -19.70
N GLN A 154 5.86 13.44 -20.35
CA GLN A 154 6.09 14.88 -20.48
C GLN A 154 6.11 15.52 -19.09
N LYS A 155 5.46 14.85 -18.14
CA LYS A 155 5.38 15.34 -16.77
C LYS A 155 6.60 14.92 -15.95
N GLY A 156 7.50 14.15 -16.55
CA GLY A 156 8.70 13.74 -15.84
C GLY A 156 8.78 12.28 -15.42
N TYR A 157 7.66 11.57 -15.48
CA TYR A 157 7.63 10.16 -15.10
C TYR A 157 8.49 9.30 -16.03
N GLN A 158 9.20 8.33 -15.46
CA GLN A 158 10.04 7.44 -16.24
C GLN A 158 9.76 5.97 -15.91
N SER A 159 8.80 5.75 -15.01
CA SER A 159 8.42 4.40 -14.61
C SER A 159 6.90 4.31 -14.56
N PHE A 160 6.36 3.27 -15.19
CA PHE A 160 4.93 3.06 -15.25
C PHE A 160 4.48 1.68 -14.79
N LYS A 161 3.28 1.62 -14.23
CA LYS A 161 2.68 0.37 -13.78
C LYS A 161 1.38 0.22 -14.55
N MET A 162 1.34 -0.77 -15.43
CA MET A 162 0.16 -1.02 -16.25
C MET A 162 -0.85 -1.94 -15.58
N LYS A 163 -2.07 -1.45 -15.45
CA LYS A 163 -3.15 -2.25 -14.89
C LYS A 163 -3.80 -2.99 -16.05
N VAL A 164 -3.89 -4.31 -15.93
CA VAL A 164 -4.53 -5.13 -16.94
C VAL A 164 -5.30 -6.22 -16.19
N GLY A 165 -5.91 -7.14 -16.94
CA GLY A 165 -6.63 -8.21 -16.28
C GLY A 165 -8.07 -8.42 -16.70
N THR A 166 -8.34 -8.32 -18.00
CA THR A 166 -9.69 -8.54 -18.48
C THR A 166 -9.71 -9.81 -19.33
N ASN A 167 -8.89 -9.79 -20.37
CA ASN A 167 -8.78 -10.89 -21.32
C ASN A 167 -7.33 -10.93 -21.84
N VAL A 168 -6.71 -12.09 -21.78
CA VAL A 168 -5.32 -12.24 -22.21
C VAL A 168 -4.99 -11.54 -23.54
N LYS A 169 -5.77 -11.81 -24.57
CA LYS A 169 -5.55 -11.18 -25.87
C LYS A 169 -5.49 -9.66 -25.72
N GLU A 170 -6.53 -9.09 -25.13
CA GLU A 170 -6.62 -7.65 -24.94
C GLU A 170 -5.49 -7.10 -24.06
N ASP A 171 -5.20 -7.78 -22.96
CA ASP A 171 -4.13 -7.33 -22.06
C ASP A 171 -2.80 -7.26 -22.81
N VAL A 172 -2.53 -8.26 -23.62
CA VAL A 172 -1.29 -8.28 -24.39
C VAL A 172 -1.27 -7.10 -25.35
N LYS A 173 -2.42 -6.82 -25.97
CA LYS A 173 -2.51 -5.69 -26.89
C LYS A 173 -2.24 -4.39 -26.15
N ARG A 174 -2.76 -4.28 -24.93
CA ARG A 174 -2.56 -3.08 -24.13
C ARG A 174 -1.07 -2.87 -23.86
N ILE A 175 -0.40 -3.92 -23.40
CA ILE A 175 1.02 -3.84 -23.08
C ILE A 175 1.89 -3.54 -24.31
N GLU A 176 1.55 -4.13 -25.44
CA GLU A 176 2.31 -3.89 -26.66
C GLU A 176 2.18 -2.43 -27.09
N ALA A 177 0.96 -1.90 -26.99
CA ALA A 177 0.70 -0.52 -27.38
C ALA A 177 1.51 0.49 -26.56
N VAL A 178 1.48 0.35 -25.24
CA VAL A 178 2.22 1.27 -24.38
C VAL A 178 3.73 1.20 -24.64
N ARG A 179 4.28 0.00 -24.69
CA ARG A 179 5.72 -0.16 -24.93
C ARG A 179 6.16 0.50 -26.24
N GLU A 180 5.38 0.30 -27.30
CA GLU A 180 5.73 0.87 -28.60
C GLU A 180 5.73 2.40 -28.50
N ARG A 181 4.78 2.93 -27.76
CA ARG A 181 4.65 4.37 -27.59
C ARG A 181 5.80 5.02 -26.83
N VAL A 182 6.12 4.49 -25.65
CA VAL A 182 7.16 5.05 -24.80
C VAL A 182 8.61 4.69 -25.12
N GLY A 183 8.82 3.80 -26.08
CA GLY A 183 10.18 3.39 -26.42
C GLY A 183 10.63 2.33 -25.44
N ASN A 184 11.86 1.85 -25.57
CA ASN A 184 12.34 0.80 -24.68
C ASN A 184 13.17 1.21 -23.47
N ASP A 185 13.32 2.50 -23.22
CA ASP A 185 14.09 2.95 -22.07
C ASP A 185 13.20 3.22 -20.86
N ILE A 186 11.90 3.36 -21.10
CA ILE A 186 10.95 3.62 -20.03
C ILE A 186 10.66 2.33 -19.27
N ALA A 187 10.70 2.39 -17.94
CA ALA A 187 10.44 1.21 -17.12
C ALA A 187 8.94 0.92 -17.09
N ILE A 188 8.59 -0.35 -17.27
CA ILE A 188 7.20 -0.77 -17.25
C ILE A 188 7.03 -2.05 -16.45
N ARG A 189 6.05 -2.07 -15.55
CA ARG A 189 5.76 -3.28 -14.77
C ARG A 189 4.27 -3.51 -15.02
N VAL A 190 3.83 -4.77 -14.93
CA VAL A 190 2.43 -5.09 -15.20
C VAL A 190 1.72 -5.73 -14.00
N ASP A 191 0.54 -5.20 -13.66
CA ASP A 191 -0.24 -5.71 -12.54
C ASP A 191 -1.57 -6.26 -13.07
N VAL A 192 -1.76 -7.56 -12.92
CA VAL A 192 -2.98 -8.22 -13.41
C VAL A 192 -4.09 -8.26 -12.36
N ASN A 193 -3.75 -7.97 -11.11
CA ASN A 193 -4.73 -8.01 -10.03
C ASN A 193 -5.59 -9.27 -10.09
N GLN A 194 -4.94 -10.42 -10.26
CA GLN A 194 -5.60 -11.73 -10.28
C GLN A 194 -6.40 -12.04 -11.56
N GLY A 195 -6.40 -11.09 -12.49
CA GLY A 195 -7.13 -11.25 -13.72
C GLY A 195 -6.93 -12.47 -14.60
N TRP A 196 -5.72 -13.04 -14.64
CA TRP A 196 -5.50 -14.21 -15.49
C TRP A 196 -5.88 -15.53 -14.81
N LYS A 197 -6.28 -15.44 -13.54
CA LYS A 197 -6.76 -16.59 -12.76
C LYS A 197 -5.85 -17.76 -12.42
N ASN A 198 -5.27 -18.38 -13.44
CA ASN A 198 -4.43 -19.56 -13.23
C ASN A 198 -3.11 -19.56 -14.01
N SER A 199 -2.29 -20.58 -13.76
CA SER A 199 -0.99 -20.68 -14.42
C SER A 199 -1.10 -20.84 -15.93
N ALA A 200 -2.08 -21.62 -16.39
CA ALA A 200 -2.28 -21.85 -17.81
C ALA A 200 -2.46 -20.56 -18.61
N ASN A 201 -3.41 -19.74 -18.19
CA ASN A 201 -3.66 -18.48 -18.89
C ASN A 201 -2.46 -17.56 -18.75
N THR A 202 -1.88 -17.53 -17.55
CA THR A 202 -0.72 -16.68 -17.30
C THR A 202 0.45 -17.03 -18.22
N LEU A 203 0.82 -18.30 -18.27
CA LEU A 203 1.93 -18.74 -19.10
C LEU A 203 1.66 -18.49 -20.59
N THR A 204 0.40 -18.58 -20.99
CA THR A 204 0.06 -18.32 -22.38
C THR A 204 0.35 -16.84 -22.64
N ALA A 205 -0.05 -15.99 -21.71
CA ALA A 205 0.17 -14.55 -21.84
C ALA A 205 1.65 -14.20 -21.84
N LEU A 206 2.42 -14.82 -20.95
CA LEU A 206 3.85 -14.54 -20.84
C LEU A 206 4.62 -14.82 -22.13
N ARG A 207 4.10 -15.75 -22.94
CA ARG A 207 4.77 -16.08 -24.20
C ARG A 207 4.90 -14.85 -25.07
N SER A 208 3.88 -14.01 -25.07
CA SER A 208 3.86 -12.79 -25.88
C SER A 208 4.50 -11.57 -25.24
N LEU A 209 4.98 -11.70 -24.00
CA LEU A 209 5.57 -10.55 -23.32
C LEU A 209 7.09 -10.59 -23.19
N GLY A 210 7.70 -11.70 -23.60
CA GLY A 210 9.14 -11.84 -23.49
C GLY A 210 10.00 -10.75 -24.13
N HIS A 211 9.56 -10.23 -25.27
CA HIS A 211 10.33 -9.19 -25.96
C HIS A 211 9.93 -7.77 -25.61
N LEU A 212 9.11 -7.59 -24.57
CA LEU A 212 8.67 -6.26 -24.20
C LEU A 212 9.41 -5.61 -23.03
N ASN A 213 10.46 -6.27 -22.55
CA ASN A 213 11.26 -5.73 -21.45
C ASN A 213 10.39 -5.26 -20.28
N ILE A 214 9.62 -6.18 -19.72
CA ILE A 214 8.75 -5.87 -18.58
C ILE A 214 9.51 -6.19 -17.29
N ASP A 215 9.58 -5.21 -16.38
CA ASP A 215 10.32 -5.42 -15.13
C ASP A 215 9.79 -6.59 -14.30
N TRP A 216 8.48 -6.70 -14.20
CA TRP A 216 7.87 -7.82 -13.47
C TRP A 216 6.37 -7.89 -13.70
N ILE A 217 5.81 -9.08 -13.45
CA ILE A 217 4.39 -9.34 -13.59
C ILE A 217 3.88 -9.49 -12.17
N GLU A 218 2.89 -8.70 -11.81
CA GLU A 218 2.34 -8.73 -10.47
C GLU A 218 1.02 -9.48 -10.37
N GLN A 219 0.94 -10.37 -9.39
CA GLN A 219 -0.24 -11.18 -9.09
C GLN A 219 -1.12 -11.58 -10.28
N PRO A 220 -0.61 -12.43 -11.17
CA PRO A 220 -1.44 -12.84 -12.32
C PRO A 220 -2.61 -13.80 -11.97
N VAL A 221 -2.45 -14.59 -10.92
CA VAL A 221 -3.46 -15.56 -10.53
C VAL A 221 -4.23 -15.16 -9.26
N ILE A 222 -5.31 -15.88 -8.96
CA ILE A 222 -6.12 -15.58 -7.79
C ILE A 222 -5.23 -15.62 -6.55
N ALA A 223 -5.49 -14.70 -5.63
CA ALA A 223 -4.72 -14.54 -4.40
C ALA A 223 -4.35 -15.82 -3.65
N ASP A 224 -5.35 -16.66 -3.37
CA ASP A 224 -5.13 -17.88 -2.61
C ASP A 224 -4.28 -18.96 -3.29
N ASP A 225 -4.11 -18.86 -4.61
CA ASP A 225 -3.34 -19.89 -5.30
C ASP A 225 -1.83 -19.64 -5.33
N ILE A 226 -1.17 -19.90 -4.20
CA ILE A 226 0.27 -19.71 -4.11
C ILE A 226 0.96 -20.80 -4.95
N ASP A 227 0.35 -21.99 -4.97
CA ASP A 227 0.89 -23.11 -5.75
C ASP A 227 1.03 -22.70 -7.21
N ALA A 228 0.01 -22.03 -7.74
CA ALA A 228 0.05 -21.60 -9.14
C ALA A 228 1.20 -20.64 -9.40
N MET A 229 1.46 -19.72 -8.46
CA MET A 229 2.56 -18.78 -8.63
C MET A 229 3.89 -19.55 -8.70
N ALA A 230 4.06 -20.54 -7.84
CA ALA A 230 5.28 -21.34 -7.84
C ALA A 230 5.43 -22.07 -9.16
N HIS A 231 4.33 -22.65 -9.66
CA HIS A 231 4.39 -23.37 -10.92
C HIS A 231 4.79 -22.44 -12.06
N ILE A 232 4.18 -21.26 -12.10
CA ILE A 232 4.50 -20.28 -13.14
C ILE A 232 5.97 -19.89 -13.06
N ARG A 233 6.45 -19.67 -11.84
CA ARG A 233 7.83 -19.27 -11.63
C ARG A 233 8.80 -20.35 -12.13
N SER A 234 8.37 -21.61 -12.10
CA SER A 234 9.22 -22.70 -12.55
C SER A 234 9.32 -22.78 -14.07
N LYS A 235 8.44 -22.07 -14.77
CA LYS A 235 8.42 -22.12 -16.23
C LYS A 235 8.54 -20.78 -16.96
N THR A 236 9.10 -19.77 -16.28
CA THR A 236 9.28 -18.46 -16.89
C THR A 236 10.51 -17.78 -16.31
N ASP A 237 11.05 -16.81 -17.04
CA ASP A 237 12.22 -16.07 -16.57
C ASP A 237 11.89 -14.60 -16.36
N LEU A 238 10.60 -14.28 -16.35
CA LEU A 238 10.15 -12.92 -16.10
C LEU A 238 9.95 -12.87 -14.58
N PRO A 239 10.44 -11.81 -13.91
CA PRO A 239 10.27 -11.70 -12.46
C PRO A 239 8.80 -11.69 -12.06
N LEU A 240 8.48 -12.37 -10.97
CA LEU A 240 7.11 -12.45 -10.50
C LEU A 240 6.92 -11.84 -9.12
N MET A 241 5.88 -11.01 -8.98
CA MET A 241 5.57 -10.37 -7.71
C MET A 241 4.21 -10.83 -7.20
N ILE A 242 4.12 -11.12 -5.91
CA ILE A 242 2.85 -11.51 -5.30
C ILE A 242 2.35 -10.29 -4.52
N ASP A 243 1.06 -9.97 -4.67
CA ASP A 243 0.47 -8.86 -3.93
C ASP A 243 -0.66 -9.40 -3.07
N GLU A 244 -1.86 -9.55 -3.65
CA GLU A 244 -3.01 -10.04 -2.89
C GLU A 244 -2.74 -11.36 -2.20
N GLY A 245 -1.86 -12.18 -2.78
CA GLY A 245 -1.53 -13.46 -2.19
C GLY A 245 -0.71 -13.34 -0.91
N LEU A 246 -0.22 -12.12 -0.63
CA LEU A 246 0.55 -11.88 0.58
C LEU A 246 -0.13 -10.87 1.48
N LYS A 247 -0.43 -11.28 2.71
CA LYS A 247 -1.05 -10.39 3.66
C LYS A 247 -0.22 -10.33 4.93
N SER A 248 -0.17 -11.47 5.63
CA SER A 248 0.57 -11.56 6.88
C SER A 248 1.71 -12.57 6.77
N SER A 249 2.36 -12.84 7.89
CA SER A 249 3.45 -13.79 7.92
C SER A 249 3.00 -15.19 7.51
N ARG A 250 1.71 -15.49 7.67
CA ARG A 250 1.21 -16.80 7.28
C ARG A 250 1.50 -17.08 5.81
N GLU A 251 1.20 -16.11 4.95
CA GLU A 251 1.47 -16.28 3.52
C GLU A 251 2.96 -16.20 3.19
N MET A 252 3.69 -15.33 3.90
CA MET A 252 5.13 -15.18 3.65
C MET A 252 5.80 -16.53 3.87
N ARG A 253 5.43 -17.21 4.95
CA ARG A 253 6.02 -18.51 5.25
C ARG A 253 5.82 -19.47 4.07
N GLN A 254 4.61 -19.47 3.52
CA GLN A 254 4.27 -20.32 2.40
C GLN A 254 5.00 -19.90 1.11
N ILE A 255 5.09 -18.60 0.88
CA ILE A 255 5.76 -18.07 -0.31
C ILE A 255 7.23 -18.50 -0.28
N ILE A 256 7.83 -18.39 0.90
CA ILE A 256 9.21 -18.78 1.08
C ILE A 256 9.40 -20.28 0.92
N LYS A 257 8.50 -21.06 1.53
CA LYS A 257 8.58 -22.53 1.47
C LYS A 257 8.42 -23.06 0.05
N LEU A 258 7.49 -22.49 -0.70
CA LEU A 258 7.24 -22.96 -2.05
C LEU A 258 8.04 -22.21 -3.13
N GLU A 259 8.85 -21.24 -2.72
CA GLU A 259 9.64 -20.45 -3.67
C GLU A 259 8.67 -19.91 -4.72
N ALA A 260 7.59 -19.29 -4.26
CA ALA A 260 6.56 -18.81 -5.16
C ALA A 260 6.75 -17.43 -5.79
N ALA A 261 7.80 -16.70 -5.42
CA ALA A 261 7.97 -15.36 -6.01
C ALA A 261 9.35 -14.75 -5.87
N ASP A 262 9.62 -13.77 -6.73
CA ASP A 262 10.88 -13.06 -6.72
C ASP A 262 10.75 -11.78 -5.90
N LYS A 263 9.54 -11.22 -5.91
CA LYS A 263 9.26 -9.98 -5.20
C LYS A 263 7.89 -10.07 -4.53
N VAL A 264 7.69 -9.27 -3.49
CA VAL A 264 6.40 -9.25 -2.81
C VAL A 264 6.02 -7.80 -2.57
N ASN A 265 4.72 -7.53 -2.63
CA ASN A 265 4.22 -6.20 -2.40
C ASN A 265 3.68 -6.13 -0.98
N ILE A 266 4.43 -5.47 -0.11
CA ILE A 266 4.04 -5.33 1.29
C ILE A 266 3.19 -4.06 1.41
N LYS A 267 2.07 -4.16 2.11
CA LYS A 267 1.20 -3.02 2.31
C LYS A 267 0.73 -2.99 3.75
N LEU A 268 0.82 -1.81 4.36
CA LEU A 268 0.41 -1.64 5.74
C LEU A 268 -1.03 -2.10 5.96
N MET A 269 -1.91 -1.85 4.97
CA MET A 269 -3.31 -2.24 5.11
C MET A 269 -3.56 -3.74 5.11
N LYS A 270 -2.60 -4.50 4.57
CA LYS A 270 -2.74 -5.96 4.50
C LYS A 270 -2.15 -6.70 5.69
N CYS A 271 -1.19 -6.09 6.38
CA CYS A 271 -0.54 -6.76 7.49
C CYS A 271 -0.80 -6.17 8.87
N GLY A 272 -1.39 -4.98 8.92
CA GLY A 272 -1.68 -4.39 10.21
C GLY A 272 -0.84 -3.21 10.63
N GLY A 273 -0.20 -2.54 9.68
CA GLY A 273 0.59 -1.37 10.04
C GLY A 273 2.09 -1.45 9.89
N ILE A 274 2.76 -0.42 10.40
CA ILE A 274 4.21 -0.28 10.35
C ILE A 274 4.99 -1.42 10.99
N TYR A 275 4.67 -1.71 12.25
CA TYR A 275 5.37 -2.77 12.99
C TYR A 275 5.34 -4.11 12.25
N PRO A 276 4.14 -4.60 11.89
CA PRO A 276 4.11 -5.88 11.18
C PRO A 276 4.72 -5.79 9.77
N ALA A 277 4.65 -4.62 9.15
CA ALA A 277 5.24 -4.46 7.81
C ALA A 277 6.74 -4.68 7.93
N VAL A 278 7.32 -4.16 9.00
CA VAL A 278 8.75 -4.30 9.25
C VAL A 278 9.10 -5.78 9.46
N LYS A 279 8.26 -6.49 10.20
CA LYS A 279 8.53 -7.91 10.43
C LYS A 279 8.51 -8.67 9.10
N LEU A 280 7.59 -8.29 8.21
CA LEU A 280 7.53 -8.95 6.91
C LEU A 280 8.81 -8.67 6.12
N ALA A 281 9.30 -7.44 6.20
CA ALA A 281 10.53 -7.07 5.50
C ALA A 281 11.69 -7.97 5.98
N HIS A 282 11.79 -8.13 7.29
CA HIS A 282 12.84 -8.97 7.87
C HIS A 282 12.72 -10.42 7.42
N GLN A 283 11.48 -10.90 7.31
CA GLN A 283 11.24 -12.28 6.89
C GLN A 283 11.62 -12.46 5.41
N ALA A 284 11.23 -11.50 4.58
CA ALA A 284 11.56 -11.56 3.16
C ALA A 284 13.08 -11.55 2.96
N GLU A 285 13.76 -10.71 3.74
CA GLU A 285 15.20 -10.58 3.65
C GLU A 285 15.91 -11.92 3.85
N MET A 286 15.40 -12.72 4.79
CA MET A 286 15.98 -14.02 5.08
C MET A 286 16.03 -14.90 3.84
N ALA A 287 14.96 -14.86 3.06
CA ALA A 287 14.86 -15.67 1.85
C ALA A 287 15.37 -14.95 0.61
N GLY A 288 15.93 -13.75 0.79
CA GLY A 288 16.43 -13.01 -0.35
C GLY A 288 15.32 -12.58 -1.31
N ILE A 289 14.13 -12.32 -0.78
CA ILE A 289 13.00 -11.89 -1.61
C ILE A 289 12.95 -10.37 -1.60
N GLU A 290 12.99 -9.78 -2.78
CA GLU A 290 12.96 -8.33 -2.93
C GLU A 290 11.59 -7.79 -2.51
N CYS A 291 11.58 -6.69 -1.78
CA CYS A 291 10.32 -6.12 -1.31
C CYS A 291 9.96 -4.76 -1.87
N GLN A 292 8.65 -4.50 -1.90
CA GLN A 292 8.11 -3.23 -2.35
C GLN A 292 7.04 -2.84 -1.34
N VAL A 293 6.89 -1.55 -1.07
CA VAL A 293 5.83 -1.11 -0.18
C VAL A 293 4.82 -0.43 -1.10
N GLY A 294 3.68 -1.08 -1.29
CA GLY A 294 2.64 -0.54 -2.15
C GLY A 294 1.56 0.10 -1.30
N SER A 295 0.36 0.27 -1.86
CA SER A 295 -0.71 0.88 -1.09
C SER A 295 -2.08 0.65 -1.74
N MET A 296 -3.12 1.01 -1.02
CA MET A 296 -4.48 0.86 -1.52
C MET A 296 -4.93 2.18 -2.13
N VAL A 297 -3.99 3.14 -2.22
CA VAL A 297 -4.25 4.49 -2.73
C VAL A 297 -4.85 5.18 -1.52
N GLU A 298 -3.96 5.74 -0.70
CA GLU A 298 -4.34 6.36 0.56
C GLU A 298 -3.98 7.85 0.67
N SER A 299 -4.47 8.49 1.72
CA SER A 299 -4.19 9.91 1.95
C SER A 299 -2.73 10.06 2.35
N SER A 300 -2.32 11.30 2.61
CA SER A 300 -0.95 11.57 3.04
C SER A 300 -0.59 10.82 4.32
N VAL A 301 -1.59 10.53 5.16
CA VAL A 301 -1.32 9.84 6.43
C VAL A 301 -0.76 8.44 6.27
N ALA A 302 -1.51 7.52 5.68
CA ALA A 302 -1.02 6.15 5.51
C ALA A 302 0.12 6.14 4.49
N SER A 303 0.02 6.98 3.46
CA SER A 303 1.07 7.04 2.46
C SER A 303 2.41 7.36 3.12
N SER A 304 2.39 8.33 4.01
CA SER A 304 3.60 8.72 4.73
C SER A 304 4.13 7.54 5.54
N ALA A 305 3.23 6.87 6.26
CA ALA A 305 3.64 5.73 7.07
C ALA A 305 4.34 4.69 6.20
N GLY A 306 3.80 4.47 5.00
CA GLY A 306 4.40 3.51 4.07
C GLY A 306 5.81 3.90 3.67
N PHE A 307 6.02 5.18 3.37
CA PHE A 307 7.34 5.64 2.98
C PHE A 307 8.35 5.49 4.11
N HIS A 308 7.93 5.80 5.33
CA HIS A 308 8.84 5.68 6.48
C HIS A 308 9.38 4.26 6.63
N VAL A 309 8.56 3.27 6.30
CA VAL A 309 9.01 1.88 6.37
C VAL A 309 10.01 1.64 5.24
N ALA A 310 9.60 1.98 4.02
CA ALA A 310 10.42 1.80 2.83
C ALA A 310 11.81 2.44 2.90
N PHE A 311 11.87 3.68 3.38
CA PHE A 311 13.14 4.41 3.49
C PHE A 311 14.12 3.85 4.52
N SER A 312 13.62 3.02 5.43
CA SER A 312 14.47 2.48 6.48
C SER A 312 15.03 1.07 6.21
N LYS A 313 14.64 0.47 5.10
CA LYS A 313 15.08 -0.90 4.80
C LYS A 313 15.72 -1.11 3.45
N LYS A 314 16.90 -1.73 3.46
CA LYS A 314 17.64 -2.04 2.25
C LYS A 314 16.89 -3.03 1.37
N ILE A 315 16.15 -3.95 1.98
CA ILE A 315 15.43 -4.96 1.21
C ILE A 315 14.24 -4.39 0.43
N ILE A 316 13.77 -3.21 0.82
CA ILE A 316 12.67 -2.58 0.11
C ILE A 316 13.29 -1.70 -0.97
N THR A 317 13.15 -2.12 -2.22
CA THR A 317 13.77 -1.43 -3.35
C THR A 317 12.87 -0.56 -4.22
N SER A 318 11.55 -0.61 -3.99
CA SER A 318 10.64 0.22 -4.77
C SER A 318 9.42 0.55 -3.91
N VAL A 319 8.74 1.64 -4.26
CA VAL A 319 7.57 2.07 -3.52
C VAL A 319 6.41 2.39 -4.46
N GLU A 320 5.19 2.18 -3.98
CA GLU A 320 4.00 2.48 -4.76
C GLU A 320 2.92 3.09 -3.88
N LEU A 321 3.11 4.34 -3.52
CA LEU A 321 2.15 5.09 -2.70
C LEU A 321 1.96 6.44 -3.39
N THR A 322 0.93 6.53 -4.23
CA THR A 322 0.67 7.77 -4.95
C THR A 322 -0.70 8.37 -4.72
N GLY A 323 -1.39 7.93 -3.66
CA GLY A 323 -2.70 8.47 -3.36
C GLY A 323 -2.74 9.98 -3.35
N PRO A 324 -1.78 10.65 -2.69
CA PRO A 324 -1.75 12.11 -2.63
C PRO A 324 -1.64 12.78 -4.01
N LEU A 325 -1.16 12.02 -5.00
CA LEU A 325 -1.02 12.55 -6.35
C LEU A 325 -2.29 12.31 -7.18
N LYS A 326 -3.17 11.45 -6.66
CA LYS A 326 -4.40 11.12 -7.38
C LYS A 326 -5.66 11.81 -6.86
N PHE A 327 -5.66 12.18 -5.58
CA PHE A 327 -6.82 12.82 -4.97
C PHE A 327 -6.90 14.32 -5.23
N THR A 328 -8.12 14.86 -5.28
CA THR A 328 -8.33 16.28 -5.50
C THR A 328 -8.33 17.01 -4.15
N LYS A 329 -8.47 16.24 -3.08
CA LYS A 329 -8.45 16.77 -1.71
C LYS A 329 -7.72 15.74 -0.84
N ASP A 330 -6.92 16.22 0.10
CA ASP A 330 -6.14 15.35 0.98
C ASP A 330 -6.10 16.00 2.38
N ILE A 331 -6.25 15.19 3.42
CA ILE A 331 -6.22 15.74 4.78
C ILE A 331 -4.79 16.01 5.24
N GLY A 332 -3.82 15.49 4.48
CA GLY A 332 -2.42 15.67 4.82
C GLY A 332 -1.65 16.43 3.76
N ASN A 333 -0.39 16.74 4.05
CA ASN A 333 0.45 17.51 3.14
C ASN A 333 1.79 16.85 2.79
N LEU A 334 1.76 15.57 2.44
CA LEU A 334 3.00 14.87 2.08
C LEU A 334 3.57 15.47 0.80
N HIS A 335 4.82 15.91 0.85
CA HIS A 335 5.47 16.53 -0.30
C HIS A 335 6.15 15.54 -1.25
N TYR A 336 5.86 15.68 -2.54
CA TYR A 336 6.45 14.84 -3.57
C TYR A 336 7.30 15.71 -4.50
N ASP A 337 8.28 15.08 -5.15
CA ASP A 337 9.16 15.75 -6.08
C ASP A 337 9.24 14.91 -7.35
N VAL A 338 8.07 14.66 -7.94
CA VAL A 338 7.97 13.86 -9.16
C VAL A 338 9.08 14.26 -10.13
N PRO A 339 9.78 13.28 -10.73
CA PRO A 339 9.62 11.83 -10.62
C PRO A 339 10.22 11.14 -9.38
N PHE A 340 10.40 11.87 -8.29
CA PHE A 340 10.97 11.28 -7.09
C PHE A 340 10.20 11.60 -5.80
N ILE A 341 10.48 10.81 -4.78
CA ILE A 341 9.90 11.00 -3.46
C ILE A 341 11.07 10.99 -2.47
N ARG A 342 11.09 11.97 -1.59
CA ARG A 342 12.14 12.07 -0.57
C ARG A 342 11.43 12.44 0.73
N LEU A 343 11.89 11.91 1.85
CA LEU A 343 11.26 12.22 3.13
C LEU A 343 12.00 13.32 3.87
N ASN A 344 11.25 14.24 4.48
CA ASN A 344 11.84 15.33 5.25
C ASN A 344 12.22 14.75 6.62
N GLU A 345 12.67 15.62 7.51
CA GLU A 345 13.08 15.18 8.84
C GLU A 345 12.11 15.58 9.95
N LYS A 346 10.89 15.96 9.59
CA LYS A 346 9.90 16.37 10.58
C LYS A 346 9.51 15.16 11.44
N PRO A 347 9.26 15.39 12.74
CA PRO A 347 8.89 14.31 13.65
C PRO A 347 7.62 13.53 13.30
N GLY A 348 7.56 12.29 13.76
CA GLY A 348 6.41 11.45 13.47
C GLY A 348 6.29 11.19 11.99
N LEU A 349 5.07 11.23 11.48
CA LEU A 349 4.83 11.01 10.05
C LEU A 349 5.34 12.22 9.26
N GLY A 350 5.71 13.27 9.97
CA GLY A 350 6.21 14.48 9.32
C GLY A 350 5.20 15.24 8.49
N ILE A 351 3.93 15.14 8.84
CA ILE A 351 2.90 15.84 8.09
C ILE A 351 1.95 16.59 9.01
N GLU A 352 1.30 17.62 8.46
CA GLU A 352 0.34 18.40 9.21
C GLU A 352 -1.04 18.01 8.68
N ILE A 353 -2.00 17.86 9.58
CA ILE A 353 -3.36 17.51 9.17
C ILE A 353 -4.22 18.78 9.15
N ASN A 354 -4.87 19.03 8.02
CA ASN A 354 -5.76 20.17 7.88
C ASN A 354 -7.11 19.69 8.39
N GLU A 355 -7.43 20.06 9.63
CA GLU A 355 -8.68 19.62 10.23
C GLU A 355 -9.93 20.14 9.55
N ASP A 356 -9.80 21.25 8.82
CA ASP A 356 -10.94 21.79 8.10
C ASP A 356 -11.25 20.83 6.94
N THR A 357 -10.20 20.35 6.29
CA THR A 357 -10.36 19.41 5.18
C THR A 357 -10.90 18.08 5.73
N LEU A 358 -10.35 17.65 6.87
CA LEU A 358 -10.80 16.42 7.50
C LEU A 358 -12.32 16.45 7.72
N GLN A 359 -12.80 17.47 8.43
CA GLN A 359 -14.24 17.59 8.69
C GLN A 359 -15.05 17.65 7.41
N GLU A 360 -14.55 18.39 6.43
CA GLU A 360 -15.22 18.54 5.16
C GLU A 360 -15.45 17.19 4.46
N LEU A 361 -14.48 16.29 4.57
CA LEU A 361 -14.58 14.98 3.93
C LEU A 361 -15.26 13.93 4.82
N THR A 362 -15.57 14.30 6.06
CA THR A 362 -16.20 13.39 7.00
C THR A 362 -17.70 13.16 6.76
N VAL A 363 -18.11 11.90 6.70
CA VAL A 363 -19.51 11.56 6.51
C VAL A 363 -20.11 11.26 7.88
N PHE A 364 -19.35 10.58 8.71
CA PHE A 364 -19.80 10.30 10.08
C PHE A 364 -18.58 10.07 10.96
N GLN A 365 -18.71 10.41 12.25
CA GLN A 365 -17.59 10.28 13.17
C GLN A 365 -18.06 9.95 14.58
N ASP A 366 -17.11 9.56 15.42
CA ASP A 366 -17.40 9.21 16.80
C ASP A 366 -16.12 9.32 17.62
N ILE A 367 -16.26 9.20 18.94
CA ILE A 367 -15.11 9.28 19.82
C ILE A 367 -15.22 8.17 20.87
N VAL A 368 -14.09 7.52 21.15
CA VAL A 368 -14.07 6.46 22.15
C VAL A 368 -13.18 6.92 23.31
N ARG A 369 -13.70 6.84 24.53
CA ARG A 369 -12.97 7.24 25.73
C ARG A 369 -13.10 6.17 26.81
#